data_7F0S
#
_entry.id   7F0S
#
_cell.length_a   64.837
_cell.length_b   68.349
_cell.length_c   99.646
_cell.angle_alpha   90.00
_cell.angle_beta   90.00
_cell.angle_gamma   90.00
#
_symmetry.space_group_name_H-M   'P 21 21 21'
#
loop_
_entity.id
_entity.type
_entity.pdbx_description
1 polymer 'RNA-directed RNA polymerase nsP4'
2 water water
#
_entity_poly.entity_id   1
_entity_poly.type   'polypeptide(L)'
_entity_poly.pdbx_seq_one_letter_code
;SVEDSLQNPEVAVAACNAFLEANYP(UNK)(UNK)(UNK)(UNK)(UNK)(UNK)(UNK)(UNK)(UNK)(UNK)(UNK)
(UNK)(UNK)(UNK)(UNK)(UNK)(UNK)(UNK)(UNK)(UNK)(UNK)(UNK)(UNK)(UNK)(UNK)(UNK)(UNK)
(UNK)(UNK)(UNK)(UNK)(UNK)(UNK)(UNK)(UNK)(UNK)(UNK)(UNK)(UNK)(UNK)(UNK)(UNK)(UNK)
(UNK)(UNK)(UNK)(UNK)(UNK)(UNK)(UNK)SAVPSPFANTLANVLAAATKRNCNVTQMRELPTLDSAVLNVECFK
KFACNGEYWQEFKDNPIRITTENITTYVTRLKGPKAAALFAKTHNLVPLQEVPMDRFVVDMKRDVKVTPGTKHTEERPKV
QVIQAAEPLATAYLCGIHRELVRRLKAVLAPNIHTLFDMSAEDFDAIIAAHFQPGDAVLETDIASFDKSQDDSLALTALM
LLEDLGVDQELLDLIEAAFGEITSVHLPTGTRFKFGAMMKSGMFLTLFVNTLLNIVIACRVLREKLTNSVCAAFIGDDNI
VHGVRSDPLMAERCASWVNMEVKIIDATMCEKPPYFCGGFILYDKVTGSACRVADPLKRLFKLGKPLPAGDTQDEDRRRA
LKDETDRWARVGLKSELEIALSSRYEVNGTGNIVRAMATLAKSLKNFKKLRGPIVHLYGGPK
;
_entity_poly.pdbx_strand_id   A
#
# COMPACT_ATOMS: atom_id res chain seq x y z
N VAL A 2 -36.53 -6.49 17.86
CA VAL A 2 -36.41 -6.94 16.48
C VAL A 2 -35.00 -7.44 16.20
N GLU A 3 -34.04 -6.97 17.01
CA GLU A 3 -32.65 -7.41 16.92
C GLU A 3 -32.31 -8.45 17.98
N ASP A 4 -33.27 -9.28 18.36
CA ASP A 4 -33.08 -10.14 19.53
C ASP A 4 -32.62 -11.52 19.10
N SER A 5 -33.09 -11.95 17.92
CA SER A 5 -32.65 -13.18 17.29
C SER A 5 -31.15 -13.17 17.05
N LEU A 6 -30.59 -12.00 16.74
CA LEU A 6 -29.18 -11.92 16.35
C LEU A 6 -28.24 -12.26 17.49
N GLN A 7 -28.70 -12.13 18.72
CA GLN A 7 -27.84 -12.41 19.87
C GLN A 7 -27.79 -13.90 20.17
N ASN A 8 -28.54 -14.69 19.41
CA ASN A 8 -28.20 -16.08 19.17
C ASN A 8 -27.03 -16.12 18.19
N PRO A 9 -25.99 -16.91 18.45
CA PRO A 9 -24.83 -16.92 17.53
C PRO A 9 -25.17 -17.42 16.14
N GLU A 10 -26.15 -18.31 16.02
CA GLU A 10 -26.41 -18.94 14.73
C GLU A 10 -27.30 -18.09 13.85
N VAL A 11 -28.25 -17.37 14.43
CA VAL A 11 -28.96 -16.35 13.66
C VAL A 11 -28.00 -15.25 13.24
N ALA A 12 -27.02 -14.94 14.09
CA ALA A 12 -25.99 -13.97 13.72
C ALA A 12 -25.18 -14.45 12.52
N VAL A 13 -24.71 -15.70 12.57
CA VAL A 13 -23.93 -16.26 11.47
C VAL A 13 -24.76 -16.36 10.21
N ALA A 14 -26.06 -16.66 10.34
CA ALA A 14 -26.93 -16.75 9.16
C ALA A 14 -27.16 -15.38 8.54
N ALA A 15 -27.41 -14.36 9.37
CA ALA A 15 -27.56 -13.01 8.86
C ALA A 15 -26.25 -12.54 8.22
N CYS A 16 -25.12 -12.94 8.78
CA CYS A 16 -23.83 -12.58 8.19
C CYS A 16 -23.62 -13.26 6.84
N ASN A 17 -23.97 -14.54 6.74
CA ASN A 17 -23.89 -15.23 5.46
C ASN A 17 -24.80 -14.58 4.42
N ALA A 18 -26.02 -14.23 4.82
CA ALA A 18 -26.95 -13.61 3.88
C ALA A 18 -26.48 -12.22 3.45
N PHE A 19 -25.95 -11.44 4.39
CA PHE A 19 -25.39 -10.13 4.04
C PHE A 19 -24.21 -10.27 3.11
N LEU A 20 -23.25 -11.12 3.48
CA LEU A 20 -22.03 -11.29 2.68
C LEU A 20 -22.32 -11.91 1.33
N GLU A 21 -23.45 -12.59 1.18
CA GLU A 21 -23.90 -13.01 -0.14
C GLU A 21 -24.56 -11.86 -0.89
N ALA A 22 -25.30 -11.01 -0.18
CA ALA A 22 -25.96 -9.87 -0.81
C ALA A 22 -24.95 -8.91 -1.41
N ASN A 23 -23.82 -8.71 -0.74
CA ASN A 23 -22.74 -7.84 -1.22
C ASN A 23 -21.46 -8.66 -1.30
N TYR A 24 -21.41 -9.56 -2.29
CA TYR A 24 -20.31 -10.52 -2.38
C TYR A 24 -19.03 -9.91 -2.95
N PRO A 25 -19.07 -9.19 -4.09
CA PRO A 25 -17.80 -8.62 -4.57
C PRO A 25 -17.14 -7.66 -3.58
N UNK A 32 -2.44 -2.16 11.94
CA UNK A 32 -3.41 -1.13 12.28
C UNK A 32 -4.04 -0.54 11.03
N UNK A 33 -3.55 -0.96 9.86
CA UNK A 33 -4.05 -0.49 8.58
C UNK A 33 -3.81 -1.59 7.53
N UNK A 34 -4.64 -2.62 7.59
CA UNK A 34 -4.56 -3.71 6.63
C UNK A 34 -4.91 -3.20 5.23
N UNK A 35 -3.94 -3.30 4.31
CA UNK A 35 -4.06 -2.68 3.00
C UNK A 35 -4.90 -3.50 2.01
N UNK A 36 -5.28 -4.73 2.37
CA UNK A 36 -5.99 -5.61 1.44
C UNK A 36 -7.25 -4.97 0.87
N UNK A 62 11.66 -3.27 9.13
CA UNK A 62 11.01 -3.43 7.83
C UNK A 62 9.60 -2.86 7.86
N UNK A 63 8.83 -3.22 6.83
CA UNK A 63 7.45 -2.76 6.61
C UNK A 63 7.41 -1.29 6.22
N UNK A 64 7.97 -0.43 7.05
CA UNK A 64 7.69 1.01 6.99
C UNK A 64 6.20 1.28 6.98
N UNK A 65 5.41 0.33 7.48
CA UNK A 65 3.96 0.38 7.40
C UNK A 65 3.36 -0.20 8.68
N SER A 76 -10.40 -19.97 -3.74
CA SER A 76 -11.17 -19.90 -4.98
C SER A 76 -11.11 -18.50 -5.58
N ALA A 77 -9.94 -18.10 -6.04
CA ALA A 77 -9.70 -16.76 -6.57
C ALA A 77 -8.98 -16.86 -7.91
N VAL A 78 -8.71 -15.69 -8.51
CA VAL A 78 -8.03 -15.62 -9.79
C VAL A 78 -6.53 -15.51 -9.57
N PRO A 79 -5.71 -16.20 -10.37
CA PRO A 79 -4.25 -16.13 -10.18
C PRO A 79 -3.63 -14.93 -10.88
N SER A 80 -2.59 -14.40 -10.26
CA SER A 80 -1.76 -13.34 -10.82
C SER A 80 -0.31 -13.62 -10.43
N PRO A 81 0.65 -13.02 -11.16
CA PRO A 81 2.07 -13.28 -10.86
C PRO A 81 2.48 -12.91 -9.44
N PHE A 82 3.76 -13.17 -9.11
CA PHE A 82 4.24 -12.92 -7.75
C PHE A 82 4.20 -11.43 -7.42
N ALA A 83 4.76 -10.61 -8.30
CA ALA A 83 4.59 -9.16 -8.21
C ALA A 83 4.66 -8.62 -9.64
N ASN A 84 3.50 -8.41 -10.25
CA ASN A 84 3.44 -8.12 -11.68
C ASN A 84 4.12 -6.81 -12.03
N THR A 85 3.85 -5.76 -11.25
CA THR A 85 4.35 -4.44 -11.60
C THR A 85 5.87 -4.35 -11.52
N LEU A 86 6.49 -5.05 -10.57
CA LEU A 86 7.94 -5.07 -10.50
C LEU A 86 8.54 -5.75 -11.73
N ALA A 87 7.93 -6.86 -12.16
CA ALA A 87 8.38 -7.52 -13.38
C ALA A 87 8.22 -6.60 -14.59
N ASN A 88 7.11 -5.86 -14.65
CA ASN A 88 6.92 -4.91 -15.74
C ASN A 88 8.00 -3.83 -15.72
N VAL A 89 8.33 -3.32 -14.53
CA VAL A 89 9.35 -2.28 -14.41
C VAL A 89 10.70 -2.81 -14.88
N LEU A 90 11.05 -4.05 -14.51
CA LEU A 90 12.35 -4.56 -14.94
C LEU A 90 12.37 -4.91 -16.42
N ALA A 91 11.25 -5.35 -16.99
CA ALA A 91 11.19 -5.55 -18.43
C ALA A 91 11.35 -4.22 -19.18
N ALA A 92 10.74 -3.15 -18.64
CA ALA A 92 10.93 -1.83 -19.24
C ALA A 92 12.38 -1.37 -19.10
N ALA A 93 13.03 -1.69 -17.98
CA ALA A 93 14.44 -1.38 -17.83
C ALA A 93 15.28 -2.13 -18.87
N THR A 94 14.89 -3.35 -19.21
CA THR A 94 15.63 -4.11 -20.22
C THR A 94 15.43 -3.51 -21.61
N LYS A 95 14.19 -3.14 -21.94
CA LYS A 95 13.96 -2.49 -23.23
C LYS A 95 14.50 -1.06 -23.30
N ARG A 96 14.98 -0.50 -22.18
CA ARG A 96 15.59 0.83 -22.22
C ARG A 96 16.80 0.87 -23.15
N ASN A 97 17.45 -0.27 -23.35
CA ASN A 97 18.62 -0.36 -24.22
C ASN A 97 18.57 -1.57 -25.15
N CYS A 98 18.03 -2.70 -24.70
CA CYS A 98 18.05 -3.91 -25.51
C CYS A 98 17.22 -3.74 -26.78
N ASN A 99 16.16 -2.95 -26.73
CA ASN A 99 15.29 -2.74 -27.88
C ASN A 99 15.44 -1.36 -28.51
N VAL A 100 15.75 -0.34 -27.72
CA VAL A 100 15.95 1.00 -28.26
C VAL A 100 17.19 1.63 -27.64
N GLU A 105 9.54 3.39 -29.47
CA GLU A 105 8.30 3.47 -28.72
C GLU A 105 8.03 4.89 -28.27
N LEU A 106 7.84 5.81 -29.21
CA LEU A 106 7.45 7.16 -28.83
C LEU A 106 6.12 7.17 -28.07
N PRO A 107 4.94 6.92 -28.73
CA PRO A 107 3.65 7.26 -28.08
C PRO A 107 3.48 6.77 -26.65
N THR A 108 4.35 5.86 -26.21
CA THR A 108 4.37 5.40 -24.83
C THR A 108 5.39 6.16 -23.98
N LEU A 109 6.59 6.37 -24.51
CA LEU A 109 7.62 7.11 -23.76
C LEU A 109 7.24 8.58 -23.61
N ASP A 110 6.63 9.18 -24.63
CA ASP A 110 6.13 10.55 -24.48
C ASP A 110 5.05 10.63 -23.42
N SER A 111 4.16 9.64 -23.37
CA SER A 111 3.14 9.61 -22.34
C SER A 111 3.77 9.44 -20.96
N ALA A 112 4.83 8.63 -20.87
CA ALA A 112 5.55 8.48 -19.61
C ALA A 112 6.16 9.80 -19.17
N VAL A 113 6.70 10.57 -20.12
CA VAL A 113 7.28 11.87 -19.78
C VAL A 113 6.20 12.83 -19.29
N LEU A 114 5.05 12.86 -19.98
CA LEU A 114 3.95 13.68 -19.52
C LEU A 114 3.51 13.26 -18.12
N ASN A 115 3.52 11.95 -17.86
CA ASN A 115 3.16 11.44 -16.53
C ASN A 115 4.15 11.93 -15.47
N VAL A 116 5.46 11.82 -15.75
CA VAL A 116 6.43 12.25 -14.76
C VAL A 116 6.28 13.73 -14.49
N GLU A 117 5.91 14.51 -15.52
CA GLU A 117 5.95 15.95 -15.31
C GLU A 117 4.70 16.41 -14.60
N CYS A 118 3.57 15.71 -14.86
CA CYS A 118 2.36 15.92 -14.06
C CYS A 118 2.59 15.54 -12.60
N PHE A 119 3.26 14.40 -12.36
CA PHE A 119 3.58 13.98 -11.00
C PHE A 119 4.40 15.04 -10.29
N LYS A 120 5.43 15.55 -10.96
CA LYS A 120 6.32 16.51 -10.33
C LYS A 120 5.69 17.89 -10.18
N LYS A 121 4.69 18.23 -10.99
CA LYS A 121 4.05 19.53 -10.86
C LYS A 121 2.89 19.54 -9.87
N PHE A 122 2.09 18.48 -9.83
CA PHE A 122 0.83 18.50 -9.08
C PHE A 122 0.92 17.84 -7.72
N ALA A 123 1.99 17.10 -7.41
CA ALA A 123 2.11 16.45 -6.13
C ALA A 123 3.42 16.74 -5.41
N CYS A 124 4.33 17.50 -6.03
CA CYS A 124 5.67 17.68 -5.49
C CYS A 124 5.94 19.16 -5.22
N ASN A 125 6.78 19.40 -4.21
CA ASN A 125 7.17 20.76 -3.83
C ASN A 125 8.19 21.35 -4.80
N GLY A 126 8.88 20.51 -5.57
CA GLY A 126 9.82 20.98 -6.57
C GLY A 126 11.28 20.94 -6.18
N GLU A 127 11.63 20.31 -5.06
CA GLU A 127 12.99 20.33 -4.54
C GLU A 127 13.58 18.92 -4.52
N TYR A 128 14.91 18.86 -4.46
CA TYR A 128 15.70 17.65 -4.20
C TYR A 128 15.79 16.72 -5.40
N TRP A 129 15.31 17.13 -6.57
CA TRP A 129 15.33 16.22 -7.72
C TRP A 129 16.76 16.08 -8.27
N GLN A 130 17.43 17.19 -8.51
CA GLN A 130 18.83 17.10 -8.94
C GLN A 130 19.73 16.62 -7.81
N GLU A 131 19.42 16.96 -6.56
CA GLU A 131 20.20 16.46 -5.44
C GLU A 131 20.03 14.96 -5.27
N PHE A 132 18.86 14.42 -5.58
CA PHE A 132 18.64 12.98 -5.50
C PHE A 132 19.21 12.25 -6.70
N LYS A 133 19.24 12.89 -7.88
CA LYS A 133 19.85 12.26 -9.04
C LYS A 133 21.37 12.25 -8.93
N ASP A 134 21.96 13.37 -8.52
CA ASP A 134 23.40 13.45 -8.36
C ASP A 134 23.92 12.59 -7.23
N ASN A 135 23.06 12.13 -6.34
CA ASN A 135 23.44 11.29 -5.21
C ASN A 135 22.54 10.06 -5.21
N PRO A 136 22.90 9.03 -5.97
CA PRO A 136 22.09 7.79 -5.97
C PRO A 136 22.06 7.16 -4.59
N ILE A 137 21.03 6.37 -4.35
CA ILE A 137 20.88 5.73 -3.04
C ILE A 137 21.99 4.72 -2.82
N ARG A 138 22.73 4.90 -1.72
CA ARG A 138 23.75 3.96 -1.27
C ARG A 138 23.52 3.72 0.22
N ILE A 139 23.44 2.46 0.61
CA ILE A 139 23.08 2.07 1.97
C ILE A 139 24.34 1.76 2.75
N THR A 140 24.45 2.36 3.94
CA THR A 140 25.65 2.30 4.74
C THR A 140 25.67 1.05 5.60
N THR A 141 26.74 0.89 6.39
CA THR A 141 26.71 -0.10 7.46
C THR A 141 25.78 0.33 8.58
N GLU A 142 25.63 1.64 8.79
CA GLU A 142 24.69 2.13 9.79
C GLU A 142 23.25 1.82 9.41
N ASN A 143 22.94 1.91 8.10
CA ASN A 143 21.60 1.55 7.64
C ASN A 143 21.31 0.07 7.86
N ILE A 144 22.35 -0.76 7.97
CA ILE A 144 22.15 -2.17 8.28
C ILE A 144 22.11 -2.40 9.79
N THR A 145 22.87 -1.63 10.57
CA THR A 145 22.73 -1.68 12.02
C THR A 145 21.30 -1.35 12.43
N THR A 146 20.79 -0.19 12.01
CA THR A 146 19.43 0.20 12.36
C THR A 146 18.39 -0.79 11.85
N TYR A 147 18.78 -1.72 10.98
CA TYR A 147 17.91 -2.82 10.57
C TYR A 147 18.03 -4.01 11.51
N VAL A 148 19.27 -4.39 11.86
CA VAL A 148 19.49 -5.58 12.67
C VAL A 148 19.17 -5.31 14.15
N THR A 149 19.41 -4.08 14.62
CA THR A 149 19.01 -3.74 15.98
C THR A 149 17.49 -3.73 16.10
N ARG A 150 16.82 -2.96 15.24
CA ARG A 150 15.37 -2.84 15.26
C ARG A 150 14.66 -4.14 14.88
N LEU A 151 15.38 -5.18 14.49
CA LEU A 151 14.80 -6.48 14.18
C LEU A 151 15.25 -7.57 15.12
N LYS A 152 16.46 -7.48 15.68
CA LYS A 152 16.99 -8.52 16.56
C LYS A 152 17.79 -8.01 17.76
N GLY A 153 18.36 -6.82 17.71
CA GLY A 153 19.07 -6.29 18.87
C GLY A 153 20.41 -5.67 18.53
N PRO A 154 20.98 -4.93 19.49
CA PRO A 154 22.24 -4.22 19.24
C PRO A 154 23.43 -5.16 19.04
N LYS A 155 23.63 -6.08 19.99
CA LYS A 155 24.74 -7.03 19.86
C LYS A 155 24.61 -7.87 18.61
N ALA A 156 23.38 -8.14 18.16
CA ALA A 156 23.19 -8.83 16.90
C ALA A 156 23.79 -8.05 15.74
N ALA A 157 23.52 -6.75 15.68
CA ALA A 157 24.10 -5.91 14.64
C ALA A 157 25.60 -5.78 14.78
N ALA A 158 26.09 -5.67 16.02
CA ALA A 158 27.52 -5.64 16.26
C ALA A 158 28.19 -6.87 15.70
N LEU A 159 27.69 -8.06 16.04
CA LEU A 159 28.27 -9.31 15.54
C LEU A 159 28.06 -9.48 14.04
N PHE A 160 26.97 -8.94 13.49
CA PHE A 160 26.71 -9.05 12.06
C PHE A 160 27.72 -8.23 11.26
N ALA A 161 27.76 -6.92 11.53
CA ALA A 161 28.79 -6.06 10.94
C ALA A 161 30.18 -6.59 11.23
N LYS A 162 30.36 -7.15 12.43
CA LYS A 162 31.59 -7.77 12.88
C LYS A 162 31.91 -9.04 12.11
N THR A 163 30.90 -9.61 11.44
CA THR A 163 31.05 -10.88 10.75
C THR A 163 31.28 -10.70 9.26
N HIS A 164 30.89 -9.54 8.72
CA HIS A 164 31.02 -9.21 7.31
C HIS A 164 31.97 -8.05 7.06
N ASN A 165 32.77 -7.66 8.06
CA ASN A 165 33.73 -6.56 7.92
C ASN A 165 33.01 -5.27 7.51
N LEU A 166 31.92 -4.97 8.21
CA LEU A 166 31.14 -3.77 7.86
C LEU A 166 31.85 -2.56 8.44
N VAL A 167 32.77 -2.02 7.64
CA VAL A 167 33.47 -0.77 7.87
C VAL A 167 32.50 0.39 8.07
N PRO A 168 32.51 1.05 9.24
CA PRO A 168 31.46 2.01 9.57
C PRO A 168 31.55 3.31 8.77
N LEU A 169 30.40 4.00 8.68
CA LEU A 169 30.22 5.26 7.96
C LEU A 169 30.40 5.11 6.47
N GLN A 170 30.74 3.90 6.05
CA GLN A 170 31.11 3.54 4.69
C GLN A 170 29.91 2.89 3.99
N GLU A 171 29.72 3.23 2.72
CA GLU A 171 28.72 2.54 1.91
C GLU A 171 29.05 1.06 1.85
N VAL A 172 28.03 0.22 1.93
CA VAL A 172 28.23 -1.22 1.88
C VAL A 172 28.66 -1.58 0.47
N PRO A 173 29.89 -2.08 0.28
CA PRO A 173 30.35 -2.44 -1.06
C PRO A 173 29.53 -3.60 -1.61
N MET A 174 28.93 -3.39 -2.79
CA MET A 174 28.00 -4.38 -3.33
C MET A 174 28.68 -5.73 -3.55
N ASP A 175 29.97 -5.73 -3.87
CA ASP A 175 30.69 -6.96 -4.15
C ASP A 175 30.73 -7.93 -2.98
N ARG A 176 30.34 -7.50 -1.78
CA ARG A 176 30.30 -8.39 -0.62
C ARG A 176 29.10 -9.32 -0.63
N PHE A 177 28.10 -9.06 -1.48
CA PHE A 177 26.88 -9.86 -1.51
C PHE A 177 26.31 -10.07 -2.90
N VAL A 178 26.86 -9.46 -3.95
CA VAL A 178 26.48 -9.73 -5.33
C VAL A 178 27.75 -9.96 -6.15
N VAL A 179 27.65 -10.83 -7.15
CA VAL A 179 28.78 -11.22 -7.99
C VAL A 179 28.36 -11.17 -9.45
N ASP A 180 29.24 -10.66 -10.30
CA ASP A 180 29.05 -10.74 -11.74
C ASP A 180 29.25 -12.19 -12.22
N MET A 181 28.61 -12.54 -13.34
CA MET A 181 28.81 -13.87 -13.90
C MET A 181 29.80 -13.95 -15.05
N LYS A 182 29.73 -13.03 -16.01
CA LYS A 182 30.56 -13.11 -17.20
C LYS A 182 30.36 -14.43 -17.96
N LYS A 199 22.84 -10.68 -15.38
CA LYS A 199 24.15 -10.05 -15.25
C LYS A 199 24.75 -10.32 -13.88
N VAL A 200 24.22 -9.65 -12.87
CA VAL A 200 24.67 -9.85 -11.49
C VAL A 200 23.87 -10.99 -10.87
N GLN A 201 24.36 -11.51 -9.76
CA GLN A 201 23.69 -12.61 -9.08
C GLN A 201 24.03 -12.56 -7.59
N VAL A 202 23.02 -12.85 -6.76
CA VAL A 202 23.19 -12.85 -5.31
C VAL A 202 24.14 -13.98 -4.92
N ILE A 203 25.22 -13.66 -4.19
CA ILE A 203 26.01 -14.76 -3.64
C ILE A 203 25.17 -15.51 -2.62
N GLN A 204 24.91 -16.78 -2.91
CA GLN A 204 24.05 -17.64 -2.10
C GLN A 204 24.52 -17.77 -0.67
N ALA A 205 25.80 -17.53 -0.40
CA ALA A 205 26.33 -17.63 0.95
C ALA A 205 25.66 -16.61 1.87
N ALA A 206 25.88 -15.33 1.59
CA ALA A 206 25.34 -14.25 2.41
C ALA A 206 24.07 -13.72 1.75
N GLU A 207 22.93 -14.25 2.18
CA GLU A 207 21.60 -13.79 1.76
C GLU A 207 21.04 -12.73 2.70
N PRO A 208 21.21 -12.85 4.02
CA PRO A 208 20.72 -11.79 4.92
C PRO A 208 21.27 -10.41 4.61
N LEU A 209 22.51 -10.32 4.13
CA LEU A 209 23.05 -9.00 3.77
C LEU A 209 22.29 -8.39 2.60
N ALA A 210 22.07 -9.18 1.55
CA ALA A 210 21.28 -8.70 0.41
C ALA A 210 19.87 -8.31 0.83
N THR A 211 19.27 -9.09 1.73
CA THR A 211 17.93 -8.76 2.20
C THR A 211 17.93 -7.44 2.96
N ALA A 212 18.89 -7.26 3.87
CA ALA A 212 18.96 -6.05 4.68
C ALA A 212 19.17 -4.83 3.80
N TYR A 213 19.98 -4.96 2.75
CA TYR A 213 20.28 -3.80 1.93
C TYR A 213 19.17 -3.52 0.91
N LEU A 214 18.39 -4.55 0.52
CA LEU A 214 17.14 -4.29 -0.18
C LEU A 214 16.16 -3.55 0.71
N CYS A 215 16.05 -3.93 1.99
CA CYS A 215 15.17 -3.21 2.91
C CYS A 215 15.65 -1.78 3.13
N GLY A 216 16.97 -1.57 3.14
CA GLY A 216 17.49 -0.22 3.20
C GLY A 216 17.11 0.62 1.99
N ILE A 217 17.21 0.02 0.80
CA ILE A 217 16.72 0.67 -0.41
C ILE A 217 15.25 1.03 -0.26
N HIS A 218 14.46 0.13 0.32
N HIS A 218 14.46 0.13 0.32
CA HIS A 218 13.03 0.38 0.49
CA HIS A 218 13.03 0.39 0.49
C HIS A 218 12.79 1.58 1.41
C HIS A 218 12.80 1.59 1.41
N ARG A 219 13.48 1.61 2.56
CA ARG A 219 13.29 2.70 3.50
C ARG A 219 13.74 4.03 2.91
N GLU A 220 14.87 4.03 2.20
CA GLU A 220 15.36 5.27 1.61
C GLU A 220 14.43 5.75 0.51
N LEU A 221 13.93 4.83 -0.32
CA LEU A 221 12.93 5.19 -1.33
C LEU A 221 11.70 5.82 -0.68
N VAL A 222 11.19 5.18 0.37
CA VAL A 222 9.99 5.68 1.05
C VAL A 222 10.20 7.11 1.52
N ARG A 223 11.26 7.33 2.31
CA ARG A 223 11.35 8.66 2.90
C ARG A 223 11.85 9.70 1.90
N ARG A 224 12.53 9.28 0.82
CA ARG A 224 12.86 10.24 -0.24
C ARG A 224 11.62 10.68 -0.99
N LEU A 225 10.70 9.75 -1.25
CA LEU A 225 9.39 10.12 -1.76
C LEU A 225 8.70 11.10 -0.81
N LYS A 226 8.76 10.81 0.49
CA LYS A 226 8.23 11.76 1.47
C LYS A 226 8.89 13.12 1.35
N ALA A 227 10.19 13.14 1.03
CA ALA A 227 10.89 14.41 0.85
C ALA A 227 10.39 15.16 -0.37
N VAL A 228 10.13 14.46 -1.48
CA VAL A 228 9.82 15.17 -2.71
C VAL A 228 8.38 15.65 -2.77
N LEU A 229 7.47 15.01 -2.04
CA LEU A 229 6.05 15.29 -2.16
C LEU A 229 5.69 16.57 -1.43
N ALA A 230 4.54 17.12 -1.80
CA ALA A 230 4.02 18.35 -1.22
C ALA A 230 3.38 18.05 0.14
N PRO A 231 3.36 19.04 1.04
CA PRO A 231 2.88 18.78 2.41
C PRO A 231 1.44 18.29 2.48
N ASN A 232 0.63 18.49 1.45
CA ASN A 232 -0.75 18.02 1.48
C ASN A 232 -0.92 16.60 0.98
N ILE A 233 0.11 16.04 0.34
CA ILE A 233 0.06 14.68 -0.20
C ILE A 233 0.66 13.74 0.84
N HIS A 234 -0.12 12.75 1.27
CA HIS A 234 0.28 11.86 2.34
C HIS A 234 0.29 10.41 1.85
N THR A 235 1.27 9.65 2.33
CA THR A 235 1.34 8.22 2.10
C THR A 235 1.37 7.50 3.44
N LEU A 236 0.85 6.28 3.46
CA LEU A 236 0.71 5.52 4.71
C LEU A 236 2.02 4.91 5.19
N PHE A 237 3.13 5.12 4.48
CA PHE A 237 4.39 4.56 4.90
C PHE A 237 4.97 5.33 6.08
N ASP A 238 5.67 4.60 6.96
CA ASP A 238 6.36 5.18 8.12
C ASP A 238 5.44 6.05 8.98
N MET A 239 4.13 5.85 8.86
CA MET A 239 3.14 6.70 9.52
C MET A 239 2.49 5.93 10.64
N SER A 240 2.70 6.40 11.87
CA SER A 240 2.01 5.81 13.02
C SER A 240 0.51 6.06 12.91
N ALA A 241 -0.26 5.23 13.62
CA ALA A 241 -1.71 5.36 13.59
C ALA A 241 -2.15 6.71 14.11
N GLU A 242 -1.45 7.25 15.11
CA GLU A 242 -1.86 8.52 15.71
C GLU A 242 -1.57 9.70 14.80
N ASP A 243 -0.48 9.64 14.02
CA ASP A 243 -0.22 10.66 13.03
C ASP A 243 -1.37 10.73 12.02
N PHE A 244 -1.79 9.56 11.53
CA PHE A 244 -2.92 9.51 10.62
C PHE A 244 -4.20 10.01 11.28
N ASP A 245 -4.39 9.68 12.56
CA ASP A 245 -5.54 10.18 13.31
C ASP A 245 -5.56 11.70 13.33
N ALA A 246 -4.41 12.31 13.61
CA ALA A 246 -4.34 13.77 13.66
C ALA A 246 -4.61 14.38 12.29
N ILE A 247 -4.01 13.81 11.24
CA ILE A 247 -4.23 14.32 9.89
C ILE A 247 -5.71 14.26 9.53
N ILE A 248 -6.36 13.13 9.85
CA ILE A 248 -7.77 12.98 9.50
C ILE A 248 -8.64 13.93 10.32
N ALA A 249 -8.34 14.07 11.61
CA ALA A 249 -9.19 14.89 12.48
C ALA A 249 -9.06 16.37 12.17
N ALA A 250 -7.90 16.80 11.64
CA ALA A 250 -7.72 18.22 11.40
C ALA A 250 -8.54 18.74 10.23
N HIS A 251 -8.89 17.87 9.26
CA HIS A 251 -9.37 18.34 7.97
C HIS A 251 -10.70 17.77 7.51
N PHE A 252 -11.31 16.85 8.24
CA PHE A 252 -12.55 16.21 7.80
C PHE A 252 -13.66 16.57 8.78
N GLN A 253 -14.57 17.44 8.34
CA GLN A 253 -15.75 17.89 9.07
C GLN A 253 -16.98 17.30 8.40
N PRO A 254 -18.12 17.23 9.11
CA PRO A 254 -19.35 16.79 8.46
C PRO A 254 -19.70 17.65 7.25
N GLY A 255 -20.04 16.98 6.15
CA GLY A 255 -20.42 17.67 4.94
C GLY A 255 -19.30 17.94 3.95
N ASP A 256 -18.07 17.58 4.29
CA ASP A 256 -16.96 17.77 3.37
C ASP A 256 -17.05 16.82 2.18
N ALA A 257 -16.60 17.29 1.03
CA ALA A 257 -16.49 16.46 -0.15
C ALA A 257 -15.20 15.66 -0.12
N VAL A 258 -15.29 14.37 -0.49
CA VAL A 258 -14.15 13.47 -0.47
C VAL A 258 -14.21 12.64 -1.75
N LEU A 259 -13.19 12.77 -2.60
CA LEU A 259 -13.09 11.96 -3.80
C LEU A 259 -12.32 10.70 -3.44
N GLU A 260 -12.99 9.56 -3.43
CA GLU A 260 -12.37 8.27 -3.19
C GLU A 260 -12.04 7.63 -4.53
N THR A 261 -10.95 6.87 -4.59
CA THR A 261 -10.55 6.25 -5.83
C THR A 261 -9.93 4.88 -5.57
N ASP A 262 -10.35 3.92 -6.40
CA ASP A 262 -9.83 2.57 -6.39
C ASP A 262 -9.16 2.27 -7.73
N ILE A 263 -8.17 1.37 -7.70
CA ILE A 263 -7.48 0.90 -8.89
C ILE A 263 -7.36 -0.61 -8.76
N ALA A 264 -8.16 -1.35 -9.53
CA ALA A 264 -8.31 -2.79 -9.32
C ALA A 264 -7.56 -3.62 -10.35
N SER A 265 -6.42 -3.14 -10.87
CA SER A 265 -5.76 -3.88 -11.93
C SER A 265 -4.24 -3.85 -11.83
N PHE A 266 -3.70 -3.68 -10.63
CA PHE A 266 -2.25 -3.75 -10.49
C PHE A 266 -1.74 -5.19 -10.55
N ASP A 267 -2.63 -6.17 -10.67
CA ASP A 267 -2.25 -7.56 -10.83
C ASP A 267 -2.26 -8.01 -12.28
N LYS A 268 -2.37 -7.07 -13.21
CA LYS A 268 -2.39 -7.38 -14.64
C LYS A 268 -1.44 -6.43 -15.36
N SER A 269 -1.22 -6.73 -16.65
CA SER A 269 -0.25 -5.97 -17.45
C SER A 269 -0.53 -4.48 -17.38
N GLN A 270 0.54 -3.70 -17.23
CA GLN A 270 0.44 -2.25 -17.15
C GLN A 270 0.04 -1.69 -18.51
N ASP A 271 -0.05 -0.36 -18.56
CA ASP A 271 -0.11 0.35 -19.84
C ASP A 271 1.24 0.38 -20.53
N ASP A 272 2.25 -0.25 -19.93
CA ASP A 272 3.65 -0.22 -20.39
C ASP A 272 4.23 1.19 -20.29
N SER A 273 3.42 2.21 -20.59
CA SER A 273 3.83 3.58 -20.28
C SER A 273 3.83 3.82 -18.78
N LEU A 274 2.98 3.11 -18.03
CA LEU A 274 2.99 3.22 -16.58
C LEU A 274 4.23 2.55 -15.98
N ALA A 275 4.61 1.39 -16.51
CA ALA A 275 5.86 0.76 -16.08
C ALA A 275 7.06 1.66 -16.38
N LEU A 276 7.05 2.28 -17.55
CA LEU A 276 8.20 3.10 -17.94
C LEU A 276 8.22 4.37 -17.10
N THR A 277 7.04 4.88 -16.75
CA THR A 277 6.89 5.99 -15.82
C THR A 277 7.44 5.66 -14.45
N ALA A 278 7.06 4.50 -13.91
CA ALA A 278 7.58 4.09 -12.61
C ALA A 278 9.09 3.96 -12.65
N LEU A 279 9.63 3.43 -13.75
CA LEU A 279 11.08 3.34 -13.89
C LEU A 279 11.74 4.72 -13.87
N MET A 280 11.17 5.66 -14.64
CA MET A 280 11.74 7.01 -14.68
C MET A 280 11.64 7.70 -13.33
N LEU A 281 10.55 7.48 -12.60
CA LEU A 281 10.38 8.10 -11.29
C LEU A 281 11.33 7.49 -10.27
N LEU A 282 11.57 6.17 -10.35
CA LEU A 282 12.57 5.56 -9.49
C LEU A 282 13.97 6.08 -9.80
N GLU A 283 14.27 6.28 -11.09
CA GLU A 283 15.55 6.87 -11.47
C GLU A 283 15.69 8.27 -10.89
N ASP A 284 14.64 9.09 -11.00
CA ASP A 284 14.68 10.44 -10.46
C ASP A 284 14.76 10.46 -8.94
N LEU A 285 14.34 9.37 -8.28
CA LEU A 285 14.47 9.27 -6.83
C LEU A 285 15.86 8.85 -6.38
N GLY A 286 16.71 8.38 -7.29
CA GLY A 286 18.06 8.00 -6.94
C GLY A 286 18.41 6.56 -7.25
N VAL A 287 17.49 5.84 -7.89
CA VAL A 287 17.75 4.45 -8.27
C VAL A 287 18.52 4.46 -9.58
N ASP A 288 19.79 4.12 -9.53
CA ASP A 288 20.65 4.12 -10.70
C ASP A 288 20.67 2.72 -11.33
N GLN A 289 21.63 2.48 -12.22
CA GLN A 289 21.65 1.21 -12.95
C GLN A 289 22.14 0.06 -12.08
N GLU A 290 23.02 0.33 -11.12
CA GLU A 290 23.55 -0.75 -10.28
C GLU A 290 22.49 -1.27 -9.32
N LEU A 291 21.72 -0.36 -8.71
CA LEU A 291 20.61 -0.80 -7.87
C LEU A 291 19.57 -1.54 -8.69
N LEU A 292 19.35 -1.10 -9.93
CA LEU A 292 18.46 -1.83 -10.82
C LEU A 292 18.98 -3.24 -11.06
N ASP A 293 20.28 -3.38 -11.31
CA ASP A 293 20.87 -4.71 -11.50
C ASP A 293 20.67 -5.58 -10.26
N LEU A 294 20.84 -4.98 -9.08
CA LEU A 294 20.62 -5.71 -7.83
C LEU A 294 19.18 -6.22 -7.74
N ILE A 295 18.22 -5.35 -8.00
CA ILE A 295 16.81 -5.75 -7.94
C ILE A 295 16.50 -6.80 -9.01
N GLU A 296 17.15 -6.70 -10.18
CA GLU A 296 17.01 -7.72 -11.22
C GLU A 296 17.46 -9.07 -10.70
N ALA A 297 18.69 -9.14 -10.17
CA ALA A 297 19.20 -10.40 -9.65
C ALA A 297 18.35 -10.92 -8.51
N ALA A 298 17.72 -10.05 -7.75
CA ALA A 298 16.90 -10.49 -6.63
C ALA A 298 15.55 -11.03 -7.08
N PHE A 299 14.91 -10.39 -8.07
CA PHE A 299 13.54 -10.72 -8.43
C PHE A 299 13.29 -10.86 -9.93
N GLY A 300 14.30 -10.64 -10.77
CA GLY A 300 14.09 -10.69 -12.21
C GLY A 300 13.71 -12.04 -12.77
N GLU A 301 13.73 -13.09 -11.94
CA GLU A 301 13.32 -14.42 -12.36
C GLU A 301 12.25 -15.00 -11.44
N ILE A 302 11.63 -14.18 -10.60
CA ILE A 302 10.73 -14.65 -9.56
C ILE A 302 9.33 -14.11 -9.74
N THR A 303 9.20 -12.82 -10.04
CA THR A 303 7.93 -12.15 -10.26
C THR A 303 7.41 -12.29 -11.70
N SER A 304 7.84 -13.31 -12.45
CA SER A 304 7.20 -13.66 -13.71
C SER A 304 6.33 -14.91 -13.57
N VAL A 305 6.17 -15.42 -12.36
CA VAL A 305 5.51 -16.69 -12.11
C VAL A 305 4.30 -16.46 -11.22
N HIS A 306 3.18 -17.11 -11.56
CA HIS A 306 1.97 -16.97 -10.78
C HIS A 306 2.02 -17.86 -9.54
N LEU A 307 1.30 -17.43 -8.50
CA LEU A 307 1.27 -18.30 -7.33
C LEU A 307 -0.03 -19.09 -7.29
N PRO A 308 0.03 -20.38 -6.94
CA PRO A 308 -1.19 -21.18 -6.81
C PRO A 308 -2.20 -20.55 -5.88
N THR A 309 -3.37 -20.20 -6.41
CA THR A 309 -4.46 -19.70 -5.57
C THR A 309 -4.96 -20.81 -4.66
N GLY A 310 -5.08 -20.51 -3.37
CA GLY A 310 -5.42 -21.52 -2.39
C GLY A 310 -4.24 -22.29 -1.86
N THR A 311 -3.08 -21.64 -1.73
CA THR A 311 -1.87 -22.28 -1.23
C THR A 311 -1.14 -21.31 -0.33
N ARG A 312 -0.74 -21.78 0.85
CA ARG A 312 -0.02 -20.97 1.81
C ARG A 312 1.48 -21.02 1.51
N PHE A 313 2.13 -19.85 1.53
CA PHE A 313 3.56 -19.75 1.29
C PHE A 313 4.19 -18.97 2.42
N LYS A 314 5.32 -19.46 2.93
CA LYS A 314 6.09 -18.79 3.98
C LYS A 314 7.40 -18.34 3.34
N PHE A 315 7.36 -17.14 2.74
CA PHE A 315 8.51 -16.63 2.00
C PHE A 315 9.58 -16.10 2.95
N GLY A 316 10.78 -15.93 2.41
CA GLY A 316 11.87 -15.31 3.11
C GLY A 316 11.70 -13.79 3.17
N ALA A 317 12.73 -13.13 3.70
CA ALA A 317 12.67 -11.69 3.88
C ALA A 317 12.96 -10.93 2.59
N MET A 318 13.82 -11.48 1.73
CA MET A 318 14.10 -10.85 0.45
C MET A 318 12.83 -10.61 -0.34
N MET A 319 11.88 -11.53 -0.25
CA MET A 319 10.65 -11.44 -1.03
C MET A 319 9.56 -10.65 -0.32
N LYS A 320 9.58 -10.59 1.00
CA LYS A 320 8.78 -9.58 1.66
C LYS A 320 9.24 -8.19 1.27
N SER A 321 10.54 -8.01 1.05
CA SER A 321 11.05 -6.73 0.54
C SER A 321 10.65 -6.51 -0.91
N GLY A 322 10.69 -7.57 -1.72
CA GLY A 322 10.18 -7.46 -3.09
C GLY A 322 8.72 -7.04 -3.12
N MET A 323 7.89 -7.71 -2.32
CA MET A 323 6.50 -7.33 -2.12
C MET A 323 6.38 -5.87 -1.69
N PHE A 324 7.32 -5.42 -0.86
CA PHE A 324 7.28 -4.06 -0.34
C PHE A 324 7.50 -3.03 -1.45
N LEU A 325 8.55 -3.19 -2.25
CA LEU A 325 8.73 -2.20 -3.30
C LEU A 325 7.72 -2.38 -4.42
N THR A 326 7.09 -3.56 -4.52
CA THR A 326 5.93 -3.69 -5.40
C THR A 326 4.79 -2.78 -4.93
N LEU A 327 4.45 -2.87 -3.64
CA LEU A 327 3.45 -1.96 -3.07
C LEU A 327 3.87 -0.50 -3.25
N PHE A 328 5.17 -0.23 -3.13
CA PHE A 328 5.68 1.13 -3.28
C PHE A 328 5.46 1.66 -4.68
N VAL A 329 5.83 0.86 -5.69
CA VAL A 329 5.63 1.25 -7.08
C VAL A 329 4.14 1.41 -7.36
N ASN A 330 3.30 0.56 -6.77
CA ASN A 330 1.86 0.69 -6.97
C ASN A 330 1.35 2.01 -6.40
N THR A 331 1.83 2.40 -5.21
CA THR A 331 1.41 3.66 -4.62
C THR A 331 1.91 4.84 -5.46
N LEU A 332 3.14 4.76 -5.97
CA LEU A 332 3.66 5.79 -6.86
C LEU A 332 2.78 5.94 -8.10
N LEU A 333 2.38 4.81 -8.69
CA LEU A 333 1.52 4.85 -9.86
C LEU A 333 0.13 5.38 -9.52
N ASN A 334 -0.34 5.11 -8.30
CA ASN A 334 -1.59 5.72 -7.84
C ASN A 334 -1.46 7.24 -7.81
N ILE A 335 -0.36 7.74 -7.25
CA ILE A 335 -0.17 9.18 -7.15
C ILE A 335 -0.09 9.82 -8.54
N VAL A 336 0.62 9.17 -9.47
CA VAL A 336 0.73 9.76 -10.80
C VAL A 336 -0.61 9.71 -11.52
N ILE A 337 -1.40 8.65 -11.32
CA ILE A 337 -2.72 8.59 -11.96
C ILE A 337 -3.65 9.67 -11.38
N ALA A 338 -3.54 9.93 -10.08
CA ALA A 338 -4.37 10.98 -9.50
C ALA A 338 -3.95 12.36 -9.99
N CYS A 339 -2.64 12.62 -10.02
CA CYS A 339 -2.14 13.83 -10.68
C CYS A 339 -2.65 13.93 -12.10
N ARG A 340 -2.84 12.78 -12.75
CA ARG A 340 -3.27 12.74 -14.13
C ARG A 340 -4.74 13.11 -14.27
N VAL A 341 -5.57 12.71 -13.31
CA VAL A 341 -7.01 12.93 -13.39
C VAL A 341 -7.40 14.25 -12.71
N LEU A 342 -6.91 14.49 -11.49
CA LEU A 342 -7.40 15.62 -10.71
C LEU A 342 -6.67 16.92 -11.07
N ARG A 343 -5.38 16.84 -11.36
CA ARG A 343 -4.55 18.00 -11.75
C ARG A 343 -4.60 19.03 -10.63
N GLU A 344 -5.02 20.28 -10.90
CA GLU A 344 -4.93 21.35 -9.90
C GLU A 344 -5.75 21.03 -8.67
N LYS A 345 -6.90 20.39 -8.85
CA LYS A 345 -7.75 20.04 -7.71
C LYS A 345 -7.05 19.11 -6.74
N LEU A 346 -5.98 18.43 -7.16
CA LEU A 346 -5.18 17.66 -6.22
C LEU A 346 -4.22 18.56 -5.46
N THR A 347 -3.59 19.51 -6.16
CA THR A 347 -2.59 20.37 -5.52
C THR A 347 -3.22 21.23 -4.43
N ASN A 348 -4.43 21.72 -4.66
CA ASN A 348 -5.08 22.65 -3.74
C ASN A 348 -5.92 21.95 -2.69
N SER A 349 -6.00 20.62 -2.70
CA SER A 349 -6.63 19.90 -1.62
C SER A 349 -5.83 20.06 -0.34
N VAL A 350 -6.52 20.21 0.79
CA VAL A 350 -5.83 20.34 2.07
C VAL A 350 -5.29 19.00 2.56
N CYS A 351 -5.74 17.89 1.98
CA CYS A 351 -5.30 16.57 2.42
C CYS A 351 -5.63 15.49 1.38
N ALA A 352 -4.60 14.81 0.89
CA ALA A 352 -4.76 13.71 -0.05
C ALA A 352 -3.93 12.53 0.44
N ALA A 353 -4.57 11.37 0.60
CA ALA A 353 -3.92 10.18 1.11
C ALA A 353 -3.93 9.09 0.05
N PHE A 354 -2.78 8.40 -0.06
CA PHE A 354 -2.58 7.34 -1.03
C PHE A 354 -1.95 6.13 -0.33
N ILE A 355 -2.42 4.94 -0.70
CA ILE A 355 -1.73 3.71 -0.32
C ILE A 355 -2.12 2.61 -1.29
N GLY A 356 -1.12 2.00 -1.93
CA GLY A 356 -1.37 1.02 -2.95
C GLY A 356 -2.26 1.54 -4.07
N ASP A 357 -3.48 1.02 -4.09
CA ASP A 357 -4.49 1.37 -5.09
C ASP A 357 -5.70 2.09 -4.49
N ASP A 358 -5.59 2.52 -3.27
CA ASP A 358 -6.53 3.27 -2.50
C ASP A 358 -6.09 4.71 -2.44
N ASN A 359 -7.00 5.65 -2.69
CA ASN A 359 -6.68 7.04 -2.38
C ASN A 359 -7.95 7.80 -2.04
N ILE A 360 -7.79 8.86 -1.24
CA ILE A 360 -8.85 9.82 -0.96
C ILE A 360 -8.26 11.21 -1.13
N VAL A 361 -9.08 12.14 -1.61
CA VAL A 361 -8.69 13.54 -1.80
C VAL A 361 -9.79 14.41 -1.22
N HIS A 362 -9.41 15.31 -0.33
CA HIS A 362 -10.37 16.12 0.40
C HIS A 362 -10.79 17.35 -0.40
N GLY A 363 -12.04 17.77 -0.19
CA GLY A 363 -12.54 18.99 -0.79
C GLY A 363 -12.71 18.96 -2.29
N VAL A 364 -12.71 17.78 -2.89
CA VAL A 364 -12.80 17.63 -4.35
C VAL A 364 -14.02 16.78 -4.67
N ARG A 365 -14.82 17.23 -5.63
CA ARG A 365 -15.97 16.51 -6.13
C ARG A 365 -15.80 16.26 -7.62
N SER A 366 -16.42 15.19 -8.10
CA SER A 366 -16.22 14.77 -9.48
C SER A 366 -16.89 15.74 -10.45
N ASP A 367 -16.64 15.50 -11.73
CA ASP A 367 -17.29 16.16 -12.84
C ASP A 367 -17.49 15.13 -13.92
N PRO A 368 -18.42 15.35 -14.86
CA PRO A 368 -18.64 14.35 -15.92
C PRO A 368 -17.39 14.01 -16.71
N LEU A 369 -16.27 14.66 -16.44
CA LEU A 369 -15.14 14.61 -17.35
C LEU A 369 -13.89 14.10 -16.65
N MET A 370 -13.98 13.73 -15.38
CA MET A 370 -12.93 12.89 -14.80
C MET A 370 -12.93 11.51 -15.41
N ALA A 371 -14.12 11.00 -15.79
CA ALA A 371 -14.25 9.62 -16.22
C ALA A 371 -13.62 9.39 -17.59
N GLU A 372 -13.76 10.35 -18.51
CA GLU A 372 -13.12 10.22 -19.82
C GLU A 372 -11.62 10.14 -19.71
N ARG A 373 -11.05 10.54 -18.58
CA ARG A 373 -9.64 10.32 -18.28
C ARG A 373 -9.41 9.09 -17.41
N CYS A 374 -10.38 8.72 -16.57
CA CYS A 374 -10.26 7.47 -15.82
C CYS A 374 -10.17 6.28 -16.75
N ALA A 375 -10.91 6.32 -17.86
CA ALA A 375 -10.87 5.25 -18.85
C ALA A 375 -9.72 5.39 -19.83
N SER A 376 -8.89 6.43 -19.70
CA SER A 376 -7.80 6.67 -20.64
C SER A 376 -6.70 5.62 -20.56
N TRP A 377 -6.74 4.71 -19.60
CA TRP A 377 -5.74 3.66 -19.45
C TRP A 377 -6.33 2.33 -19.91
N VAL A 378 -5.57 1.60 -20.73
CA VAL A 378 -5.96 0.24 -21.09
C VAL A 378 -5.59 -0.70 -19.94
N ASN A 379 -6.43 -1.72 -19.72
CA ASN A 379 -6.20 -2.85 -18.80
C ASN A 379 -6.27 -2.45 -17.35
N MET A 380 -6.58 -1.17 -17.16
CA MET A 380 -6.69 -0.56 -15.83
C MET A 380 -8.18 -0.22 -15.60
N GLU A 381 -8.71 -0.50 -14.39
CA GLU A 381 -10.05 -0.03 -14.05
C GLU A 381 -9.89 0.94 -12.89
N VAL A 382 -9.70 2.20 -13.25
CA VAL A 382 -9.60 3.29 -12.28
C VAL A 382 -11.01 3.78 -12.01
N LYS A 383 -11.44 3.69 -10.76
CA LYS A 383 -12.86 3.87 -10.46
C LYS A 383 -12.97 4.96 -9.41
N ILE A 384 -13.64 6.06 -9.77
CA ILE A 384 -13.92 7.12 -8.80
C ILE A 384 -15.10 6.73 -7.92
N ILE A 385 -15.23 7.46 -6.81
CA ILE A 385 -16.38 7.41 -5.93
C ILE A 385 -16.51 8.80 -5.30
N ASP A 386 -17.68 9.42 -5.44
CA ASP A 386 -17.93 10.64 -4.70
C ASP A 386 -18.42 10.30 -3.30
N ALA A 387 -17.92 11.04 -2.31
CA ALA A 387 -18.24 10.77 -0.93
C ALA A 387 -18.41 12.08 -0.18
N THR A 388 -19.21 12.02 0.89
CA THR A 388 -19.47 13.20 1.70
C THR A 388 -19.43 12.80 3.17
N MET A 389 -18.65 13.52 3.96
CA MET A 389 -18.55 13.23 5.38
C MET A 389 -19.92 13.26 6.03
N CYS A 390 -20.26 12.17 6.72
CA CYS A 390 -21.53 11.94 7.41
C CYS A 390 -22.70 11.73 6.45
N GLU A 391 -22.46 11.76 5.13
CA GLU A 391 -23.50 11.52 4.14
C GLU A 391 -23.16 10.34 3.24
N LYS A 392 -22.06 10.42 2.49
CA LYS A 392 -21.40 9.30 1.84
C LYS A 392 -20.09 9.07 2.60
N PRO A 393 -20.09 8.32 3.70
CA PRO A 393 -18.83 8.09 4.43
C PRO A 393 -17.84 7.34 3.57
N PRO A 394 -16.68 7.93 3.30
CA PRO A 394 -15.74 7.34 2.34
C PRO A 394 -14.98 6.15 2.92
N TYR A 395 -14.53 5.29 2.00
CA TYR A 395 -13.77 4.10 2.33
C TYR A 395 -12.30 4.33 1.98
N PHE A 396 -11.40 3.77 2.79
CA PHE A 396 -9.97 3.93 2.55
C PHE A 396 -9.19 2.90 3.36
N CYS A 397 -8.53 1.98 2.65
CA CYS A 397 -7.54 1.08 3.23
C CYS A 397 -8.14 0.22 4.35
N GLY A 398 -9.19 -0.53 4.00
CA GLY A 398 -9.78 -1.46 4.92
C GLY A 398 -10.69 -0.86 5.97
N GLY A 399 -11.26 0.31 5.70
CA GLY A 399 -12.15 0.91 6.67
C GLY A 399 -12.82 2.15 6.13
N PHE A 400 -13.56 2.81 7.02
CA PHE A 400 -14.26 4.04 6.69
C PHE A 400 -13.68 5.22 7.48
N ILE A 401 -13.90 6.41 6.93
CA ILE A 401 -13.58 7.67 7.57
C ILE A 401 -14.88 8.20 8.15
N LEU A 402 -15.13 7.92 9.42
CA LEU A 402 -16.35 8.39 10.07
C LEU A 402 -16.01 9.60 10.94
N TYR A 403 -17.05 10.20 11.52
CA TYR A 403 -16.90 11.38 12.36
C TYR A 403 -17.42 11.03 13.74
N ASP A 404 -16.51 10.74 14.67
CA ASP A 404 -16.95 10.58 16.05
C ASP A 404 -17.41 11.93 16.56
N LYS A 405 -18.64 11.98 17.06
CA LYS A 405 -19.23 13.28 17.29
C LYS A 405 -19.78 13.42 18.71
N VAL A 406 -19.30 12.59 19.64
CA VAL A 406 -19.23 13.01 21.03
C VAL A 406 -17.93 13.75 21.28
N THR A 407 -16.84 13.29 20.66
CA THR A 407 -15.56 13.99 20.68
C THR A 407 -15.50 15.12 19.66
N GLY A 408 -16.29 15.04 18.59
CA GLY A 408 -16.30 16.10 17.60
C GLY A 408 -15.10 16.10 16.67
N SER A 409 -14.62 14.93 16.28
CA SER A 409 -13.48 14.83 15.38
C SER A 409 -13.68 13.62 14.46
N ALA A 410 -13.11 13.72 13.26
CA ALA A 410 -13.15 12.60 12.33
C ALA A 410 -12.08 11.58 12.69
N CYS A 411 -12.44 10.31 12.61
CA CYS A 411 -11.53 9.20 12.83
C CYS A 411 -11.69 8.18 11.71
N ARG A 412 -10.71 7.28 11.64
CA ARG A 412 -10.74 6.17 10.71
C ARG A 412 -10.95 4.89 11.49
N VAL A 413 -11.92 4.09 11.08
CA VAL A 413 -12.20 2.83 11.76
C VAL A 413 -12.27 1.72 10.72
N ALA A 414 -12.10 0.48 11.21
CA ALA A 414 -12.01 -0.65 10.31
C ALA A 414 -13.37 -0.97 9.71
N ASP A 415 -13.46 -2.10 9.02
CA ASP A 415 -14.53 -2.36 8.07
C ASP A 415 -15.16 -3.71 8.31
N PRO A 416 -16.48 -3.76 8.59
CA PRO A 416 -17.10 -5.05 8.93
C PRO A 416 -17.19 -6.01 7.75
N LEU A 417 -17.50 -5.54 6.54
CA LEU A 417 -17.52 -6.44 5.39
C LEU A 417 -16.20 -7.17 5.27
N LYS A 418 -15.10 -6.42 5.35
CA LYS A 418 -13.77 -6.98 5.12
C LYS A 418 -13.32 -7.82 6.31
N ARG A 419 -13.65 -7.38 7.53
CA ARG A 419 -13.28 -8.14 8.71
C ARG A 419 -13.99 -9.48 8.76
N LEU A 420 -15.26 -9.50 8.35
CA LEU A 420 -16.05 -10.72 8.35
C LEU A 420 -15.66 -11.66 7.21
N PHE A 421 -15.46 -11.11 6.02
CA PHE A 421 -14.93 -11.88 4.89
C PHE A 421 -13.51 -12.37 5.19
N LYS A 422 -12.83 -11.70 6.11
CA LYS A 422 -11.52 -12.12 6.60
C LYS A 422 -11.64 -13.29 7.56
N LEU A 423 -12.55 -13.20 8.54
CA LEU A 423 -12.82 -14.34 9.42
C LEU A 423 -13.57 -15.47 8.72
N GLY A 424 -13.84 -15.35 7.42
CA GLY A 424 -14.37 -16.46 6.66
C GLY A 424 -13.36 -17.52 6.30
N LYS A 425 -12.10 -17.36 6.75
CA LYS A 425 -11.04 -18.29 6.45
C LYS A 425 -10.48 -18.89 7.73
N PRO A 426 -10.15 -20.18 7.73
CA PRO A 426 -9.80 -20.85 8.98
C PRO A 426 -8.43 -20.46 9.51
N LEU A 427 -8.31 -20.46 10.83
CA LEU A 427 -7.10 -20.05 11.53
C LEU A 427 -6.56 -21.23 12.34
N PRO A 428 -5.32 -21.66 12.13
CA PRO A 428 -4.78 -22.77 12.93
C PRO A 428 -4.23 -22.32 14.27
N ALA A 429 -3.53 -23.21 14.96
CA ALA A 429 -2.89 -22.89 16.24
C ALA A 429 -1.44 -22.46 16.07
N GLY A 430 -0.73 -23.02 15.10
CA GLY A 430 0.62 -22.57 14.83
C GLY A 430 0.70 -21.09 14.53
N ASP A 431 -0.31 -20.57 13.84
CA ASP A 431 -0.39 -19.14 13.62
C ASP A 431 -0.57 -18.40 14.94
N THR A 432 0.31 -17.44 15.19
CA THR A 432 0.19 -16.60 16.37
C THR A 432 -1.18 -15.91 16.40
N GLN A 433 -1.71 -15.72 17.60
CA GLN A 433 -3.02 -15.12 17.80
C GLN A 433 -2.90 -14.02 18.84
N ASP A 434 -2.61 -12.80 18.38
CA ASP A 434 -2.54 -11.66 19.29
C ASP A 434 -3.88 -11.44 19.99
N GLU A 435 -4.98 -11.62 19.26
CA GLU A 435 -6.34 -11.51 19.80
C GLU A 435 -7.12 -12.72 19.27
N ASP A 436 -6.97 -13.85 19.95
CA ASP A 436 -7.72 -15.04 19.59
C ASP A 436 -9.14 -14.98 20.15
N ARG A 437 -9.99 -15.87 19.63
CA ARG A 437 -11.36 -16.02 20.11
C ARG A 437 -12.15 -14.71 19.96
N ARG A 438 -11.84 -13.97 18.89
CA ARG A 438 -12.59 -12.78 18.48
C ARG A 438 -12.70 -11.75 19.61
N ARG A 439 -11.53 -11.30 20.07
CA ARG A 439 -11.46 -10.09 20.87
C ARG A 439 -10.98 -8.89 20.07
N ALA A 440 -10.20 -9.12 19.01
CA ALA A 440 -9.96 -8.07 18.03
C ALA A 440 -11.25 -7.68 17.33
N LEU A 441 -12.24 -8.58 17.29
CA LEU A 441 -13.56 -8.21 16.80
C LEU A 441 -14.40 -7.58 17.90
N LYS A 442 -14.24 -8.05 19.14
CA LYS A 442 -15.03 -7.50 20.25
C LYS A 442 -14.76 -6.02 20.45
N ASP A 443 -13.48 -5.62 20.40
CA ASP A 443 -13.15 -4.24 20.72
C ASP A 443 -13.55 -3.26 19.61
N GLU A 444 -13.49 -3.65 18.34
CA GLU A 444 -13.98 -2.73 17.34
C GLU A 444 -15.48 -2.84 17.11
N THR A 445 -16.11 -3.94 17.53
CA THR A 445 -17.55 -3.92 17.71
C THR A 445 -17.92 -2.89 18.77
N ASP A 446 -17.12 -2.82 19.84
CA ASP A 446 -17.33 -1.79 20.86
C ASP A 446 -17.05 -0.39 20.32
N ARG A 447 -16.11 -0.25 19.38
CA ARG A 447 -15.90 1.05 18.76
C ARG A 447 -17.07 1.45 17.87
N TRP A 448 -17.56 0.52 17.03
CA TRP A 448 -18.66 0.91 16.15
C TRP A 448 -20.04 0.54 16.68
N ALA A 449 -20.15 0.15 17.95
CA ALA A 449 -21.47 0.04 18.59
C ALA A 449 -21.67 1.07 19.68
N ARG A 450 -20.82 2.09 19.74
CA ARG A 450 -21.07 3.22 20.62
C ARG A 450 -21.71 4.35 19.84
N VAL A 451 -22.40 5.23 20.57
CA VAL A 451 -23.41 6.08 19.97
C VAL A 451 -22.79 7.26 19.23
N GLY A 452 -21.52 7.58 19.48
CA GLY A 452 -20.85 8.61 18.71
C GLY A 452 -20.52 8.21 17.29
N LEU A 453 -20.75 6.95 16.91
CA LEU A 453 -20.34 6.43 15.61
C LEU A 453 -21.45 5.71 14.87
N LYS A 454 -22.36 5.07 15.61
CA LYS A 454 -23.14 3.96 15.05
C LYS A 454 -24.07 4.40 13.92
N SER A 455 -24.62 5.61 13.99
CA SER A 455 -25.50 6.06 12.90
C SER A 455 -24.71 6.42 11.65
N GLU A 456 -23.59 7.12 11.83
CA GLU A 456 -22.70 7.39 10.71
C GLU A 456 -22.26 6.09 10.06
N LEU A 457 -21.99 5.05 10.86
CA LEU A 457 -21.60 3.77 10.28
C LEU A 457 -22.76 3.11 9.55
N GLU A 458 -23.97 3.17 10.10
CA GLU A 458 -25.07 2.49 9.43
C GLU A 458 -25.37 3.15 8.08
N ILE A 459 -25.24 4.47 7.98
CA ILE A 459 -25.30 5.09 6.65
C ILE A 459 -24.08 4.75 5.79
N ALA A 460 -22.89 4.63 6.37
CA ALA A 460 -21.75 4.18 5.58
C ALA A 460 -22.03 2.84 4.93
N LEU A 461 -22.61 1.91 5.69
CA LEU A 461 -22.89 0.59 5.16
C LEU A 461 -24.10 0.59 4.23
N SER A 462 -25.05 1.50 4.47
CA SER A 462 -26.10 1.73 3.47
C SER A 462 -25.49 2.18 2.14
N SER A 463 -24.39 2.92 2.19
CA SER A 463 -23.70 3.30 0.97
C SER A 463 -22.93 2.12 0.38
N ARG A 464 -22.35 1.27 1.23
CA ARG A 464 -21.53 0.17 0.75
C ARG A 464 -22.39 -1.01 0.28
N TYR A 465 -23.19 -1.58 1.18
CA TYR A 465 -23.98 -2.77 0.89
C TYR A 465 -24.91 -2.58 -0.31
N THR A 470 -31.42 -5.29 6.00
CA THR A 470 -31.35 -5.22 7.46
C THR A 470 -30.40 -4.11 7.86
N GLY A 471 -29.10 -4.39 7.88
CA GLY A 471 -28.09 -3.37 8.02
C GLY A 471 -27.61 -3.07 9.42
N ASN A 472 -27.90 -3.93 10.39
CA ASN A 472 -27.43 -3.76 11.76
C ASN A 472 -26.58 -4.95 12.19
N ILE A 473 -25.72 -5.41 11.28
CA ILE A 473 -24.91 -6.60 11.53
C ILE A 473 -23.90 -6.40 12.65
N VAL A 474 -23.65 -5.14 13.05
CA VAL A 474 -22.73 -4.86 14.14
C VAL A 474 -23.22 -5.51 15.43
N ARG A 475 -24.54 -5.59 15.62
CA ARG A 475 -25.07 -6.28 16.79
C ARG A 475 -24.88 -7.78 16.67
N ALA A 476 -24.98 -8.32 15.45
CA ALA A 476 -24.74 -9.73 15.23
C ALA A 476 -23.28 -10.11 15.43
N MET A 477 -22.37 -9.15 15.38
CA MET A 477 -20.95 -9.45 15.53
C MET A 477 -20.47 -9.43 16.98
N ALA A 478 -21.35 -9.19 17.95
CA ALA A 478 -21.02 -9.26 19.37
C ALA A 478 -19.83 -8.37 19.74
N LYS A 485 -18.72 -18.60 20.40
CA LYS A 485 -19.56 -18.28 19.24
C LYS A 485 -18.71 -17.91 18.03
N ASN A 486 -17.40 -17.75 18.26
CA ASN A 486 -16.51 -17.22 17.23
C ASN A 486 -16.40 -18.17 16.03
N PHE A 487 -16.01 -19.40 16.29
CA PHE A 487 -15.63 -20.34 15.23
C PHE A 487 -16.79 -20.78 14.33
N LYS A 488 -17.99 -20.20 14.47
CA LYS A 488 -19.11 -20.57 13.62
C LYS A 488 -19.12 -19.79 12.32
N LYS A 489 -18.78 -18.50 12.37
CA LYS A 489 -18.79 -17.69 11.16
C LYS A 489 -17.77 -18.14 10.14
N LEU A 490 -16.75 -18.91 10.56
CA LEU A 490 -15.75 -19.40 9.63
C LEU A 490 -16.36 -20.34 8.60
N ARG A 491 -17.36 -21.13 9.01
CA ARG A 491 -18.06 -22.05 8.13
C ARG A 491 -17.12 -23.01 7.42
#